data_6T55
#
_entry.id   6T55
#
_cell.length_a   70.271
_cell.length_b   71.336
_cell.length_c   72.395
_cell.angle_alpha   90.000
_cell.angle_beta   100.175
_cell.angle_gamma   90.000
#
_symmetry.space_group_name_H-M   'C 1 2 1'
#
loop_
_entity.id
_entity.type
_entity.pdbx_description
1 polymer Prothrombin
2 polymer Prothrombin
3 polymer 'Hirudin variant-2'
4 non-polymer 'SODIUM ION'
5 non-polymer 1-(4-methylphenyl)methanamine
6 non-polymer 'PHOSPHATE ION'
7 non-polymer GLYCEROL
8 non-polymer 2-acetamido-2-deoxy-beta-D-glucopyranose
9 water water
#
loop_
_entity_poly.entity_id
_entity_poly.type
_entity_poly.pdbx_seq_one_letter_code
_entity_poly.pdbx_strand_id
1 'polypeptide(L)' TFGSGEADCGLRPLFEKKSLEDKTERELLESYIDGR L
2 'polypeptide(L)'
;IVEGSDAEIGMSPWQVMLFRKSPQELLCGASLISDRWVLTAAHCLLYPPWDKNFTENDLLVRIGKHSRTRYERNIEKISM
LEKIYIHPRYNWRENLDRDIALMKLKKPVAFSDYIHPVCLPDRETAASLLQAGYKGRVTGWGNLKETWTANVGKGQPSVL
QVVNLPIVERPVCKDSTRIRITDNMFCAGYKPDEGKRGDACEGDSGGPFVMKSPFNNRWYQMGIVSWGEGCDRDGKYGFY
THVFRLKKWIQKVIDQFGE
;
H
3 'polypeptide(L)' DFEEIPEE(TYS)LQ I
#
# COMPACT_ATOMS: atom_id res chain seq x y z
N GLU A 6 -12.60 4.96 -10.37
CA GLU A 6 -12.78 5.10 -11.85
C GLU A 6 -13.41 3.85 -12.45
N ALA A 7 -14.18 4.04 -13.52
CA ALA A 7 -14.80 2.90 -14.21
C ALA A 7 -13.74 1.90 -14.68
N ASP A 8 -12.53 2.36 -14.92
CA ASP A 8 -11.45 1.52 -15.42
C ASP A 8 -10.51 1.07 -14.31
N CYS A 9 -10.90 1.26 -13.07
CA CYS A 9 -9.98 0.99 -11.98
C CYS A 9 -9.58 -0.47 -11.96
N GLY A 10 -8.37 -0.73 -11.48
CA GLY A 10 -7.93 -2.09 -11.20
C GLY A 10 -7.62 -2.95 -12.39
N LEU A 11 -7.59 -2.38 -13.59
CA LEU A 11 -7.25 -3.10 -14.82
C LEU A 11 -5.95 -2.50 -15.33
N ARG A 12 -4.87 -3.25 -15.24
CA ARG A 12 -3.54 -2.69 -15.50
C ARG A 12 -3.28 -2.61 -17.01
N PRO A 13 -2.80 -1.48 -17.51
CA PRO A 13 -2.51 -1.37 -18.95
C PRO A 13 -1.61 -2.46 -19.48
N LEU A 14 -0.59 -2.89 -18.73
CA LEU A 14 0.36 -3.86 -19.24
C LEU A 14 -0.01 -5.30 -18.93
N PHE A 15 -1.14 -5.53 -18.24
CA PHE A 15 -1.56 -6.87 -17.90
C PHE A 15 -3.00 -7.10 -18.33
N GLU A 16 -3.97 -6.79 -17.46
CA GLU A 16 -5.36 -7.09 -17.80
C GLU A 16 -5.77 -6.48 -19.14
N LYS A 17 -5.35 -5.24 -19.41
CA LYS A 17 -5.82 -4.59 -20.64
C LYS A 17 -5.29 -5.27 -21.88
N LYS A 18 -4.18 -6.03 -21.78
CA LYS A 18 -3.62 -6.78 -22.90
C LYS A 18 -3.80 -8.28 -22.75
N SER A 19 -4.58 -8.73 -21.77
CA SER A 19 -4.72 -10.15 -21.46
C SER A 19 -3.38 -10.85 -21.24
N LEU A 20 -2.48 -10.19 -20.52
CA LEU A 20 -1.24 -10.81 -20.07
C LEU A 20 -1.29 -10.97 -18.56
N GLU A 21 -0.83 -12.10 -18.07
N GLU A 21 -0.72 -12.08 -18.09
CA GLU A 21 -0.78 -12.33 -16.63
CA GLU A 21 -0.70 -12.48 -16.68
C GLU A 21 0.62 -12.10 -16.09
C GLU A 21 0.66 -12.17 -16.07
N ASP A 22 0.67 -11.61 -14.86
CA ASP A 22 1.94 -11.42 -14.18
C ASP A 22 2.39 -12.76 -13.59
N LYS A 23 3.62 -12.80 -13.11
CA LYS A 23 4.26 -14.08 -12.82
C LYS A 23 3.71 -14.75 -11.56
N THR A 24 3.00 -14.03 -10.69
CA THR A 24 2.51 -14.66 -9.45
C THR A 24 1.04 -14.44 -9.16
N GLU A 25 0.28 -13.79 -10.04
CA GLU A 25 -1.13 -13.60 -9.72
C GLU A 25 -1.87 -14.91 -9.60
N ARG A 26 -1.42 -15.96 -10.27
CA ARG A 26 -2.08 -17.25 -10.15
C ARG A 26 -2.03 -17.77 -8.72
N GLU A 27 -0.97 -17.46 -7.96
CA GLU A 27 -0.90 -17.84 -6.55
C GLU A 27 -2.08 -17.26 -5.79
N LEU A 28 -2.46 -16.03 -6.11
CA LEU A 28 -3.62 -15.43 -5.46
C LEU A 28 -4.89 -16.19 -5.84
N LEU A 29 -5.12 -16.41 -7.13
CA LEU A 29 -6.34 -17.08 -7.56
C LEU A 29 -6.47 -18.45 -6.90
N GLU A 30 -5.36 -19.20 -6.85
CA GLU A 30 -5.41 -20.55 -6.28
C GLU A 30 -5.77 -20.54 -4.80
N SER A 31 -5.54 -19.44 -4.10
CA SER A 31 -5.92 -19.34 -2.69
C SER A 31 -7.38 -18.98 -2.50
N TYR A 32 -8.08 -18.58 -3.54
CA TYR A 32 -9.47 -18.14 -3.41
C TYR A 32 -10.36 -19.37 -3.61
N ILE A 33 -10.47 -20.16 -2.54
CA ILE A 33 -11.11 -21.46 -2.62
C ILE A 33 -12.58 -21.33 -2.26
N ASP A 34 -13.33 -20.55 -3.05
CA ASP A 34 -14.78 -20.42 -2.89
C ASP A 34 -15.44 -19.67 -4.06
N ILE B 1 10.17 -4.60 1.90
CA ILE B 1 9.51 -5.92 1.75
C ILE B 1 10.56 -7.00 2.01
N VAL B 2 10.28 -7.93 2.92
CA VAL B 2 11.18 -9.04 3.26
C VAL B 2 10.73 -10.28 2.50
N GLU B 3 11.70 -10.96 1.86
CA GLU B 3 11.46 -12.22 1.16
C GLU B 3 10.49 -12.07 0.00
N GLY B 4 10.51 -10.91 -0.64
CA GLY B 4 9.76 -10.68 -1.86
C GLY B 4 10.62 -10.82 -3.08
N SER B 5 10.11 -10.30 -4.19
CA SER B 5 10.85 -10.31 -5.45
C SER B 5 10.67 -8.98 -6.16
N ASP B 6 11.51 -8.76 -7.17
CA ASP B 6 11.38 -7.56 -7.98
C ASP B 6 10.04 -7.55 -8.69
N ALA B 7 9.34 -6.41 -8.64
CA ALA B 7 8.12 -6.27 -9.42
C ALA B 7 8.43 -6.31 -10.91
N GLU B 8 7.46 -6.78 -11.69
CA GLU B 8 7.48 -6.58 -13.13
C GLU B 8 7.10 -5.13 -13.46
N ILE B 9 7.56 -4.67 -14.63
CA ILE B 9 7.18 -3.35 -15.09
C ILE B 9 5.66 -3.26 -15.21
N GLY B 10 5.09 -2.20 -14.64
CA GLY B 10 3.66 -1.97 -14.68
C GLY B 10 2.83 -2.91 -13.85
N MET B 11 3.46 -3.67 -12.96
CA MET B 11 2.73 -4.67 -12.17
C MET B 11 1.84 -4.02 -11.13
N SER B 12 2.19 -2.84 -10.65
N SER B 12 2.23 -2.87 -10.60
CA SER B 12 1.48 -2.18 -9.56
CA SER B 12 1.47 -2.17 -9.56
C SER B 12 1.39 -0.70 -9.93
C SER B 12 1.39 -0.71 -9.94
N PRO B 13 0.59 -0.36 -10.96
CA PRO B 13 0.62 1.00 -11.50
C PRO B 13 -0.07 2.02 -10.64
N TRP B 14 -0.71 1.56 -9.56
CA TRP B 14 -1.25 2.42 -8.53
C TRP B 14 -0.26 2.69 -7.41
N GLN B 15 0.94 2.12 -7.47
N GLN B 15 0.92 2.09 -7.41
CA GLN B 15 1.93 2.36 -6.44
CA GLN B 15 1.85 2.30 -6.31
C GLN B 15 2.31 3.82 -6.39
C GLN B 15 2.39 3.73 -6.35
N VAL B 16 2.40 4.37 -5.19
CA VAL B 16 2.87 5.74 -5.01
C VAL B 16 3.96 5.75 -3.96
N MET B 17 4.97 6.56 -4.19
CA MET B 17 6.00 6.84 -3.19
C MET B 17 5.75 8.20 -2.55
N LEU B 18 5.66 8.22 -1.23
CA LEU B 18 5.60 9.47 -0.47
C LEU B 18 7.04 9.89 -0.22
N PHE B 19 7.39 11.10 -0.64
CA PHE B 19 8.78 11.53 -0.72
C PHE B 19 8.92 12.83 0.07
N ARG B 20 9.88 12.86 1.00
N ARG B 20 9.89 12.86 0.99
CA ARG B 20 10.20 14.07 1.74
CA ARG B 20 10.19 14.06 1.75
C ARG B 20 11.02 14.99 0.86
C ARG B 20 11.03 14.99 0.87
N LYS B 21 10.69 16.28 0.87
CA LYS B 21 11.38 17.24 0.01
C LYS B 21 12.81 17.50 0.50
N SER B 22 12.97 17.68 1.81
CA SER B 22 14.27 18.06 2.36
C SER B 22 14.40 17.53 3.78
N PRO B 23 15.31 16.58 4.05
CA PRO B 23 16.16 15.89 3.07
C PRO B 23 15.33 15.05 2.10
N GLN B 24 15.83 14.87 0.89
CA GLN B 24 15.12 14.06 -0.10
C GLN B 24 15.20 12.60 0.31
N GLU B 25 14.06 12.00 0.70
CA GLU B 25 14.09 10.63 1.18
C GLU B 25 12.72 9.98 1.05
N LEU B 26 12.73 8.65 1.00
CA LEU B 26 11.50 7.86 1.01
C LEU B 26 10.89 7.94 2.40
N LEU B 27 9.60 8.27 2.46
CA LEU B 27 8.87 8.27 3.73
C LEU B 27 7.96 7.07 3.90
N CYS B 28 7.27 6.67 2.85
CA CYS B 28 6.20 5.70 2.98
C CYS B 28 5.76 5.33 1.58
N GLY B 29 4.95 4.27 1.52
CA GLY B 29 4.15 3.98 0.34
C GLY B 29 2.79 4.65 0.42
N ALA B 30 2.06 4.47 -0.66
CA ALA B 30 0.72 5.04 -0.85
C ALA B 30 0.15 4.44 -2.13
N SER B 31 -1.09 4.78 -2.44
CA SER B 31 -1.71 4.24 -3.64
C SER B 31 -2.59 5.27 -4.34
N LEU B 32 -2.68 5.13 -5.65
CA LEU B 32 -3.50 6.00 -6.48
C LEU B 32 -4.90 5.43 -6.62
N ILE B 33 -5.90 6.19 -6.20
CA ILE B 33 -7.30 5.76 -6.28
C ILE B 33 -8.13 6.56 -7.26
N SER B 34 -7.61 7.66 -7.79
CA SER B 34 -8.23 8.42 -8.86
C SER B 34 -7.17 9.36 -9.41
N ASP B 35 -7.52 10.17 -10.41
CA ASP B 35 -6.50 11.06 -10.95
C ASP B 35 -6.07 12.18 -10.00
N ARG B 36 -6.78 12.39 -8.87
CA ARG B 36 -6.44 13.46 -7.93
C ARG B 36 -6.32 13.00 -6.49
N TRP B 37 -6.52 11.71 -6.19
CA TRP B 37 -6.56 11.24 -4.81
C TRP B 37 -5.58 10.09 -4.59
N VAL B 38 -4.85 10.19 -3.47
CA VAL B 38 -3.88 9.20 -3.04
C VAL B 38 -4.23 8.76 -1.62
N LEU B 39 -4.20 7.46 -1.40
CA LEU B 39 -4.49 6.85 -0.10
C LEU B 39 -3.18 6.41 0.56
N THR B 40 -3.08 6.65 1.87
CA THR B 40 -1.93 6.19 2.64
C THR B 40 -2.36 5.90 4.07
N ALA B 41 -1.37 5.57 4.92
CA ALA B 41 -1.60 5.37 6.34
C ALA B 41 -1.46 6.71 7.05
N ALA B 42 -2.34 6.96 8.01
CA ALA B 42 -2.25 8.19 8.78
C ALA B 42 -0.90 8.34 9.46
N HIS B 43 -0.32 7.23 9.94
CA HIS B 43 0.93 7.35 10.70
C HIS B 43 2.09 7.77 9.83
N CYS B 44 1.96 7.68 8.50
CA CYS B 44 2.97 8.22 7.62
C CYS B 44 3.00 9.73 7.64
N LEU B 45 1.92 10.37 8.05
CA LEU B 45 1.82 11.82 8.07
C LEU B 45 1.78 12.40 9.48
N LEU B 46 1.22 11.68 10.44
CA LEU B 46 1.01 12.19 11.78
C LEU B 46 1.34 11.09 12.77
N TYR B 47 2.39 11.28 13.56
CA TYR B 47 2.76 10.33 14.62
C TYR B 47 3.50 11.11 15.70
N PRO B 48 2.76 11.72 16.61
CA PRO B 48 3.35 12.62 17.62
C PRO B 48 4.43 11.96 18.46
N PRO B 49 4.34 10.66 18.77
CA PRO B 49 5.41 10.06 19.59
C PRO B 49 6.79 10.21 18.98
N TRP B 50 6.88 10.33 17.65
CA TRP B 50 8.14 10.53 16.94
C TRP B 50 8.27 11.94 16.39
N ASP B 51 7.49 12.88 16.92
CA ASP B 51 7.53 14.27 16.49
C ASP B 51 7.28 14.39 14.98
N LYS B 52 6.39 13.55 14.46
CA LYS B 52 6.04 13.55 13.04
C LYS B 52 4.67 14.21 12.87
N ASN B 53 4.65 15.31 12.10
CA ASN B 53 3.41 16.00 11.77
C ASN B 53 3.61 16.79 10.49
N PHE B 54 3.57 16.10 9.35
CA PHE B 54 3.91 16.74 8.09
C PHE B 54 2.77 17.63 7.61
N THR B 55 3.16 18.72 6.95
CA THR B 55 2.22 19.58 6.25
C THR B 55 2.36 19.31 4.75
N GLU B 56 1.41 19.85 3.99
CA GLU B 56 1.40 19.60 2.55
C GLU B 56 2.72 19.95 1.90
N ASN B 57 3.29 21.11 2.24
CA ASN B 57 4.48 21.58 1.53
C ASN B 57 5.74 20.80 1.88
N ASP B 58 5.69 19.90 2.86
CA ASP B 58 6.87 19.12 3.20
C ASP B 58 7.10 17.96 2.26
N LEU B 59 6.11 17.61 1.43
CA LEU B 59 6.03 16.31 0.82
C LEU B 59 5.77 16.42 -0.67
N LEU B 60 6.17 15.38 -1.39
CA LEU B 60 5.76 15.15 -2.76
C LEU B 60 5.31 13.71 -2.87
N VAL B 61 4.53 13.41 -3.91
CA VAL B 61 4.25 12.03 -4.24
C VAL B 61 4.83 11.75 -5.62
N ARG B 62 5.37 10.54 -5.78
CA ARG B 62 6.00 10.13 -7.03
C ARG B 62 5.26 8.89 -7.51
N ILE B 63 4.72 8.96 -8.72
CA ILE B 63 3.78 7.99 -9.24
C ILE B 63 4.36 7.41 -10.53
N GLY B 64 4.12 6.13 -10.77
CA GLY B 64 4.66 5.43 -11.91
C GLY B 64 6.07 4.89 -11.75
N LYS B 65 6.58 4.82 -10.52
CA LYS B 65 7.95 4.45 -10.32
C LYS B 65 8.15 2.93 -10.30
N HIS B 66 9.40 2.56 -10.57
CA HIS B 66 9.90 1.20 -10.44
C HIS B 66 11.20 1.23 -9.64
N SER B 67 12.23 1.93 -10.15
CA SER B 67 13.45 2.13 -9.39
C SER B 67 13.16 2.91 -8.11
N ARG B 68 13.76 2.47 -7.00
CA ARG B 68 13.64 3.22 -5.76
C ARG B 68 14.28 4.61 -5.86
N THR B 69 15.56 4.66 -6.28
CA THR B 69 16.34 5.88 -6.11
C THR B 69 16.48 6.74 -7.35
N ARG B 70 16.27 6.17 -8.55
N ARG B 70 16.25 6.19 -8.54
CA ARG B 70 16.47 6.91 -9.78
CA ARG B 70 16.52 6.96 -9.74
C ARG B 70 15.32 7.89 -10.01
C ARG B 70 15.33 7.84 -10.10
N TYR B 71 15.62 8.97 -10.74
CA TYR B 71 14.59 9.83 -11.31
C TYR B 71 14.23 9.24 -12.69
N GLU B 72 13.03 8.69 -12.80
CA GLU B 72 12.65 7.87 -13.96
C GLU B 72 12.02 8.78 -14.99
N ARG B 73 12.91 9.50 -15.67
CA ARG B 73 12.55 10.47 -16.68
C ARG B 73 11.63 9.84 -17.73
N ASN B 74 10.57 10.58 -18.08
CA ASN B 74 9.58 10.20 -19.07
C ASN B 74 8.64 9.08 -18.61
N ILE B 75 8.73 8.66 -17.37
CA ILE B 75 7.93 7.56 -16.84
C ILE B 75 7.22 7.99 -15.57
N GLU B 76 7.97 8.35 -14.54
CA GLU B 76 7.32 8.76 -13.32
C GLU B 76 6.78 10.18 -13.46
N LYS B 77 5.79 10.48 -12.64
CA LYS B 77 5.25 11.81 -12.49
C LYS B 77 5.31 12.21 -11.02
N ILE B 78 5.65 13.47 -10.77
CA ILE B 78 5.84 13.99 -9.43
C ILE B 78 4.76 15.04 -9.19
N SER B 79 4.00 14.87 -8.12
CA SER B 79 2.83 15.71 -7.84
C SER B 79 2.96 16.36 -6.47
N MET B 80 2.49 17.60 -6.39
CA MET B 80 2.42 18.34 -5.14
C MET B 80 1.08 18.10 -4.48
N LEU B 81 1.05 18.28 -3.16
N LEU B 81 1.04 18.29 -3.17
CA LEU B 81 -0.16 18.05 -2.37
CA LEU B 81 -0.16 18.04 -2.38
C LEU B 81 -0.95 19.33 -2.21
C LEU B 81 -0.96 19.33 -2.18
N GLU B 82 -2.26 19.25 -2.46
CA GLU B 82 -3.16 20.35 -2.15
C GLU B 82 -3.61 20.27 -0.69
N LYS B 83 -4.00 19.07 -0.22
CA LYS B 83 -4.53 18.97 1.13
C LYS B 83 -4.40 17.54 1.64
N ILE B 84 -4.05 17.42 2.93
CA ILE B 84 -4.02 16.15 3.66
C ILE B 84 -5.28 16.05 4.51
N TYR B 85 -5.88 14.86 4.52
CA TYR B 85 -7.02 14.54 5.38
C TYR B 85 -6.72 13.29 6.17
N ILE B 86 -6.74 13.39 7.49
CA ILE B 86 -6.47 12.26 8.37
C ILE B 86 -7.79 11.85 9.02
N HIS B 87 -8.02 10.55 9.16
CA HIS B 87 -9.25 10.10 9.80
C HIS B 87 -9.38 10.79 11.17
N PRO B 88 -10.55 11.37 11.50
CA PRO B 88 -10.66 12.10 12.77
C PRO B 88 -10.56 11.22 13.99
N ARG B 89 -10.73 9.90 13.85
CA ARG B 89 -10.60 8.99 14.97
C ARG B 89 -9.39 8.08 14.84
N TYR B 90 -8.42 8.47 14.02
CA TYR B 90 -7.13 7.80 14.00
C TYR B 90 -6.51 7.81 15.40
N ASN B 91 -6.20 6.62 15.91
CA ASN B 91 -5.70 6.45 17.27
C ASN B 91 -4.20 6.25 17.25
N TRP B 92 -3.48 7.38 17.23
CA TRP B 92 -2.03 7.32 17.30
C TRP B 92 -1.53 7.09 18.72
N ARG B 93 -2.40 7.29 19.72
N ARG B 93 -2.38 7.31 19.72
CA ARG B 93 -1.96 7.18 21.11
CA ARG B 93 -1.94 7.17 21.10
C ARG B 93 -1.78 5.73 21.54
C ARG B 93 -1.72 5.71 21.47
N GLU B 94 -2.60 4.82 21.03
CA GLU B 94 -2.64 3.45 21.52
C GLU B 94 -2.14 2.44 20.49
N ASN B 95 -2.92 2.19 19.42
CA ASN B 95 -2.71 1.00 18.60
C ASN B 95 -2.84 1.27 17.10
N LEU B 96 -2.84 2.53 16.68
CA LEU B 96 -2.98 2.89 15.25
C LEU B 96 -4.34 2.48 14.69
N ASP B 97 -5.37 2.39 15.53
CA ASP B 97 -6.71 2.15 15.02
C ASP B 97 -7.08 3.23 14.01
N ARG B 98 -7.69 2.81 12.90
CA ARG B 98 -8.13 3.70 11.83
C ARG B 98 -6.95 4.44 11.19
N ASP B 99 -5.93 3.67 10.81
CA ASP B 99 -4.68 4.20 10.28
C ASP B 99 -4.85 4.48 8.78
N ILE B 100 -5.48 5.61 8.48
CA ILE B 100 -5.85 5.93 7.11
C ILE B 100 -5.83 7.43 6.92
N ALA B 101 -5.37 7.84 5.74
CA ALA B 101 -5.32 9.25 5.36
C ALA B 101 -5.44 9.35 3.84
N LEU B 102 -5.97 10.48 3.39
CA LEU B 102 -6.09 10.80 1.99
C LEU B 102 -5.26 12.04 1.70
N MET B 103 -4.74 12.10 0.47
CA MET B 103 -4.03 13.28 -0.01
C MET B 103 -4.64 13.67 -1.35
N LYS B 104 -5.07 14.91 -1.46
CA LYS B 104 -5.55 15.44 -2.72
C LYS B 104 -4.40 16.15 -3.44
N LEU B 105 -4.22 15.81 -4.71
CA LEU B 105 -3.13 16.38 -5.49
C LEU B 105 -3.51 17.77 -6.02
N LYS B 106 -2.49 18.60 -6.24
CA LYS B 106 -2.75 19.94 -6.76
C LYS B 106 -3.36 19.91 -8.14
N LYS B 107 -2.93 18.98 -8.98
CA LYS B 107 -3.48 18.82 -10.31
C LYS B 107 -3.59 17.33 -10.63
N PRO B 108 -4.48 16.96 -11.54
CA PRO B 108 -4.63 15.55 -11.87
C PRO B 108 -3.38 14.99 -12.55
N VAL B 109 -3.08 13.74 -12.24
CA VAL B 109 -1.97 13.03 -12.87
C VAL B 109 -2.50 12.33 -14.11
N ALA B 110 -1.70 12.37 -15.17
CA ALA B 110 -2.08 11.69 -16.39
C ALA B 110 -1.84 10.19 -16.26
N PHE B 111 -2.84 9.39 -16.64
CA PHE B 111 -2.66 7.95 -16.60
C PHE B 111 -1.78 7.52 -17.78
N SER B 112 -1.14 6.36 -17.64
CA SER B 112 -0.22 5.84 -18.64
C SER B 112 -0.10 4.35 -18.44
N ASP B 113 0.80 3.71 -19.18
CA ASP B 113 1.07 2.30 -18.97
C ASP B 113 1.58 2.04 -17.55
N TYR B 114 2.13 3.05 -16.89
CA TYR B 114 2.79 2.89 -15.59
C TYR B 114 2.01 3.52 -14.45
N ILE B 115 0.91 4.20 -14.75
CA ILE B 115 0.15 5.00 -13.81
C ILE B 115 -1.32 4.71 -14.02
N HIS B 116 -1.97 4.09 -13.04
CA HIS B 116 -3.37 3.70 -13.19
C HIS B 116 -3.95 3.41 -11.82
N PRO B 117 -5.20 3.80 -11.55
CA PRO B 117 -5.75 3.63 -10.20
C PRO B 117 -6.21 2.22 -9.88
N VAL B 118 -6.15 1.90 -8.59
CA VAL B 118 -6.67 0.66 -8.04
C VAL B 118 -8.13 0.89 -7.65
N CYS B 119 -8.92 -0.18 -7.61
CA CYS B 119 -10.28 -0.06 -7.10
C CYS B 119 -10.34 -0.13 -5.58
N LEU B 120 -11.35 0.55 -5.02
CA LEU B 120 -11.66 0.32 -3.62
C LEU B 120 -12.81 -0.67 -3.51
N PRO B 121 -12.79 -1.53 -2.49
CA PRO B 121 -13.79 -2.61 -2.41
C PRO B 121 -15.18 -2.12 -2.05
N ASP B 122 -16.17 -2.78 -2.64
CA ASP B 122 -17.54 -2.76 -2.20
C ASP B 122 -17.73 -3.79 -1.08
N ARG B 123 -18.90 -3.73 -0.42
CA ARG B 123 -19.16 -4.64 0.68
C ARG B 123 -19.07 -6.10 0.24
N GLU B 124 -19.59 -6.41 -0.95
CA GLU B 124 -19.65 -7.80 -1.38
C GLU B 124 -18.26 -8.33 -1.72
N THR B 125 -17.46 -7.53 -2.41
CA THR B 125 -16.10 -7.96 -2.70
C THR B 125 -15.32 -8.18 -1.40
N ALA B 126 -15.47 -7.27 -0.43
CA ALA B 126 -14.81 -7.43 0.86
C ALA B 126 -15.27 -8.70 1.56
N ALA B 127 -16.58 -8.94 1.62
CA ALA B 127 -17.07 -10.13 2.29
C ALA B 127 -16.54 -11.40 1.64
N SER B 128 -16.49 -11.43 0.32
N SER B 128 -16.46 -11.40 0.31
CA SER B 128 -16.05 -12.65 -0.35
CA SER B 128 -16.08 -12.58 -0.45
C SER B 128 -14.56 -12.90 -0.15
C SER B 128 -14.59 -12.88 -0.33
N LEU B 129 -13.76 -11.85 -0.27
CA LEU B 129 -12.31 -12.04 -0.35
C LEU B 129 -11.55 -11.92 0.96
N LEU B 130 -12.10 -11.24 1.96
CA LEU B 130 -11.37 -11.06 3.21
C LEU B 130 -11.61 -12.25 4.12
N GLN B 131 -10.98 -13.36 3.75
CA GLN B 131 -11.15 -14.63 4.43
C GLN B 131 -9.80 -15.25 4.72
N ALA B 132 -9.68 -15.90 5.87
CA ALA B 132 -8.42 -16.52 6.24
C ALA B 132 -7.99 -17.51 5.17
N GLY B 133 -6.70 -17.47 4.83
CA GLY B 133 -6.15 -18.29 3.78
C GLY B 133 -6.06 -17.61 2.43
N TYR B 134 -6.97 -16.68 2.14
CA TYR B 134 -6.93 -15.99 0.87
C TYR B 134 -5.74 -15.05 0.87
N LYS B 135 -5.04 -15.01 -0.25
CA LYS B 135 -3.81 -14.24 -0.34
C LYS B 135 -4.03 -12.88 -1.00
N GLY B 136 -3.33 -11.87 -0.48
CA GLY B 136 -3.21 -10.60 -1.15
C GLY B 136 -1.75 -10.32 -1.44
N ARG B 137 -1.53 -9.14 -1.98
CA ARG B 137 -0.21 -8.77 -2.48
C ARG B 137 0.18 -7.43 -1.88
N VAL B 138 1.40 -7.37 -1.38
CA VAL B 138 1.96 -6.16 -0.78
C VAL B 138 3.17 -5.74 -1.59
N THR B 139 3.29 -4.44 -1.82
CA THR B 139 4.37 -3.89 -2.62
C THR B 139 4.97 -2.68 -1.93
N GLY B 140 6.27 -2.46 -2.17
CA GLY B 140 6.91 -1.29 -1.59
C GLY B 140 8.41 -1.28 -1.83
N TRP B 141 8.99 -0.16 -1.45
CA TRP B 141 10.43 0.07 -1.54
C TRP B 141 11.11 0.06 -0.18
N GLY B 142 10.45 -0.50 0.83
CA GLY B 142 10.99 -0.53 2.18
C GLY B 142 12.12 -1.53 2.31
N ASN B 143 12.62 -1.63 3.55
CA ASN B 143 13.81 -2.41 3.80
C ASN B 143 13.58 -3.88 3.49
N LEU B 144 14.66 -4.56 3.10
CA LEU B 144 14.60 -5.97 2.75
C LEU B 144 14.73 -6.89 3.96
N LYS B 145 15.13 -6.36 5.11
CA LYS B 145 15.27 -7.14 6.33
C LYS B 145 15.06 -6.19 7.50
N GLU B 146 14.65 -6.75 8.63
CA GLU B 146 14.40 -5.93 9.81
C GLU B 146 15.67 -5.21 10.25
N THR B 147 16.79 -5.92 10.29
CA THR B 147 18.05 -5.39 10.81
C THR B 147 19.18 -5.77 9.87
N GLY B 155 20.44 -4.20 1.94
CA GLY B 155 19.40 -3.90 2.91
C GLY B 155 18.22 -3.17 2.31
N GLN B 156 18.46 -2.41 1.25
CA GLN B 156 17.41 -1.65 0.59
C GLN B 156 17.37 -1.98 -0.89
N PRO B 157 16.19 -2.01 -1.50
CA PRO B 157 16.10 -2.57 -2.86
C PRO B 157 16.38 -1.58 -3.97
N SER B 158 16.88 -2.11 -5.09
N SER B 158 16.83 -2.12 -5.10
CA SER B 158 17.04 -1.27 -6.27
CA SER B 158 17.05 -1.31 -6.29
C SER B 158 15.68 -0.88 -6.84
C SER B 158 15.76 -1.01 -7.04
N VAL B 159 14.73 -1.84 -6.87
CA VAL B 159 13.44 -1.62 -7.51
C VAL B 159 12.32 -2.11 -6.60
N LEU B 160 11.12 -1.69 -6.93
CA LEU B 160 9.91 -2.06 -6.20
C LEU B 160 9.85 -3.56 -5.97
N GLN B 161 9.50 -3.94 -4.73
CA GLN B 161 9.40 -5.33 -4.32
C GLN B 161 7.95 -5.74 -4.13
N VAL B 162 7.70 -7.03 -4.28
N VAL B 162 7.68 -7.02 -4.34
CA VAL B 162 6.37 -7.61 -4.27
CA VAL B 162 6.33 -7.58 -4.27
C VAL B 162 6.42 -8.87 -3.41
C VAL B 162 6.37 -8.88 -3.48
N VAL B 163 5.37 -9.10 -2.64
CA VAL B 163 5.22 -10.37 -1.92
C VAL B 163 3.73 -10.65 -1.76
N ASN B 164 3.36 -11.92 -1.94
CA ASN B 164 1.98 -12.37 -1.73
C ASN B 164 1.90 -13.05 -0.37
N LEU B 165 0.85 -12.72 0.41
CA LEU B 165 0.75 -13.18 1.80
C LEU B 165 -0.70 -13.57 2.10
N PRO B 166 -0.91 -14.64 2.87
CA PRO B 166 -2.28 -15.04 3.22
C PRO B 166 -2.84 -14.26 4.41
N ILE B 167 -4.13 -13.95 4.31
CA ILE B 167 -4.87 -13.39 5.44
C ILE B 167 -4.93 -14.45 6.53
N VAL B 168 -4.80 -14.01 7.79
CA VAL B 168 -4.75 -14.90 8.94
C VAL B 168 -6.04 -14.77 9.76
N GLU B 169 -6.44 -15.90 10.35
CA GLU B 169 -7.59 -15.95 11.23
C GLU B 169 -7.47 -14.94 12.37
N ARG B 170 -8.57 -14.24 12.66
N ARG B 170 -8.58 -14.24 12.65
CA ARG B 170 -8.52 -13.18 13.65
CA ARG B 170 -8.52 -13.18 13.65
C ARG B 170 -8.03 -13.64 15.02
C ARG B 170 -8.03 -13.65 15.02
N PRO B 171 -8.42 -14.82 15.54
CA PRO B 171 -7.87 -15.23 16.85
C PRO B 171 -6.37 -15.40 16.83
N VAL B 172 -5.80 -15.89 15.72
CA VAL B 172 -4.35 -16.02 15.60
C VAL B 172 -3.69 -14.66 15.57
N CYS B 173 -4.26 -13.71 14.82
CA CYS B 173 -3.77 -12.33 14.85
C CYS B 173 -3.71 -11.82 16.28
N LYS B 174 -4.82 -11.94 17.01
CA LYS B 174 -4.89 -11.40 18.36
C LYS B 174 -3.90 -12.09 19.28
N ASP B 175 -3.74 -13.40 19.14
CA ASP B 175 -2.90 -14.17 20.04
C ASP B 175 -1.41 -14.01 19.73
N SER B 176 -1.06 -13.29 18.67
CA SER B 176 0.33 -13.08 18.34
C SER B 176 0.93 -11.85 18.98
N THR B 177 0.14 -11.04 19.67
CA THR B 177 0.57 -9.72 20.09
C THR B 177 -0.11 -9.36 21.41
N ARG B 178 0.49 -8.40 22.11
CA ARG B 178 -0.14 -7.79 23.27
C ARG B 178 -0.93 -6.55 22.91
N ILE B 179 -0.79 -6.03 21.69
CA ILE B 179 -1.55 -4.86 21.26
C ILE B 179 -3.01 -5.24 21.08
N ARG B 180 -3.91 -4.31 21.39
CA ARG B 180 -5.34 -4.50 21.20
C ARG B 180 -5.68 -4.37 19.70
N ILE B 181 -6.17 -5.45 19.11
CA ILE B 181 -6.52 -5.49 17.70
C ILE B 181 -8.00 -5.13 17.57
N THR B 182 -8.33 -4.28 16.61
CA THR B 182 -9.69 -3.84 16.37
C THR B 182 -10.22 -4.37 15.06
N ASP B 183 -11.55 -4.18 14.88
CA ASP B 183 -12.21 -4.56 13.64
C ASP B 183 -11.73 -3.72 12.45
N ASN B 184 -11.01 -2.63 12.69
CA ASN B 184 -10.48 -1.84 11.59
C ASN B 184 -9.10 -2.30 11.14
N MET B 185 -8.68 -3.49 11.58
CA MET B 185 -7.40 -4.08 11.24
C MET B 185 -7.64 -5.51 10.81
N PHE B 186 -6.80 -6.00 9.90
CA PHE B 186 -6.67 -7.44 9.70
C PHE B 186 -5.19 -7.76 9.65
N CYS B 187 -4.83 -9.03 9.76
CA CYS B 187 -3.43 -9.39 9.71
C CYS B 187 -3.17 -10.43 8.64
N ALA B 188 -1.93 -10.49 8.19
CA ALA B 188 -1.55 -11.39 7.11
C ALA B 188 -0.09 -11.81 7.27
N GLY B 189 0.22 -12.97 6.71
CA GLY B 189 1.55 -13.53 6.79
C GLY B 189 1.50 -15.02 6.99
N TYR B 190 2.62 -15.70 6.78
CA TYR B 190 2.67 -17.13 6.98
C TYR B 190 2.94 -17.45 8.45
N LYS B 191 2.43 -18.60 8.88
CA LYS B 191 2.69 -19.09 10.22
C LYS B 191 4.04 -19.80 10.24
N PRO B 192 4.64 -19.95 11.43
CA PRO B 192 5.95 -20.62 11.49
C PRO B 192 5.96 -22.00 10.84
N ASP B 193 4.88 -22.76 10.97
CA ASP B 193 4.86 -24.13 10.45
C ASP B 193 4.71 -24.18 8.93
N GLU B 194 4.35 -23.06 8.28
CA GLU B 194 3.97 -23.09 6.87
C GLU B 194 5.16 -23.09 5.91
N GLY B 195 6.38 -22.84 6.35
N GLY B 195 6.37 -22.87 6.41
CA GLY B 195 7.53 -23.03 5.46
CA GLY B 195 7.58 -22.87 5.61
C GLY B 195 7.65 -22.07 4.29
C GLY B 195 7.88 -21.54 4.97
N LYS B 196 6.90 -20.98 4.28
CA LYS B 196 7.15 -19.81 3.45
C LYS B 196 7.18 -18.59 4.36
N ARG B 197 7.77 -17.50 3.88
CA ARG B 197 7.95 -16.32 4.70
C ARG B 197 7.58 -15.08 3.91
N GLY B 198 7.77 -13.92 4.53
CA GLY B 198 7.54 -12.66 3.87
C GLY B 198 6.76 -11.69 4.73
N ASP B 199 7.02 -10.40 4.54
CA ASP B 199 6.35 -9.37 5.30
C ASP B 199 6.68 -8.04 4.65
N ALA B 200 5.93 -7.03 5.02
CA ALA B 200 6.33 -5.66 4.84
C ALA B 200 7.43 -5.31 5.84
N CYS B 201 8.04 -4.15 5.65
CA CYS B 201 9.08 -3.68 6.58
C CYS B 201 9.10 -2.16 6.58
N GLU B 202 10.07 -1.58 7.30
CA GLU B 202 10.14 -0.12 7.41
C GLU B 202 10.30 0.47 6.01
N GLY B 203 9.49 1.49 5.71
CA GLY B 203 9.44 2.13 4.43
C GLY B 203 8.30 1.66 3.53
N ASP B 204 7.69 0.51 3.86
CA ASP B 204 6.55 0.00 3.10
C ASP B 204 5.21 0.49 3.64
N SER B 205 5.18 1.03 4.85
CA SER B 205 3.91 1.40 5.42
C SER B 205 3.24 2.50 4.61
N GLY B 206 1.92 2.47 4.62
CA GLY B 206 1.12 3.33 3.78
C GLY B 206 0.81 2.76 2.42
N GLY B 207 1.57 1.75 1.95
CA GLY B 207 1.33 1.12 0.69
C GLY B 207 0.16 0.17 0.71
N PRO B 208 -0.13 -0.41 -0.42
CA PRO B 208 -1.38 -1.18 -0.56
C PRO B 208 -1.23 -2.68 -0.36
N PHE B 209 -2.27 -3.31 0.22
CA PHE B 209 -2.48 -4.75 0.20
C PHE B 209 -3.63 -4.97 -0.78
N VAL B 210 -3.35 -5.61 -1.91
CA VAL B 210 -4.33 -5.72 -2.98
C VAL B 210 -4.70 -7.18 -3.20
N MET B 211 -5.90 -7.38 -3.76
CA MET B 211 -6.38 -8.70 -4.15
C MET B 211 -7.02 -8.58 -5.52
N LYS B 212 -6.89 -9.62 -6.33
CA LYS B 212 -7.47 -9.61 -7.69
C LYS B 212 -8.78 -10.39 -7.62
N SER B 213 -9.89 -9.68 -7.82
CA SER B 213 -11.18 -10.35 -7.72
C SER B 213 -11.30 -11.41 -8.80
N PRO B 214 -11.67 -12.65 -8.43
CA PRO B 214 -11.89 -13.67 -9.46
C PRO B 214 -13.25 -13.53 -10.13
N PHE B 215 -14.06 -12.60 -9.67
CA PHE B 215 -15.39 -12.37 -10.24
C PHE B 215 -15.31 -11.43 -11.43
N ASN B 216 -14.51 -10.36 -11.33
CA ASN B 216 -14.46 -9.37 -12.41
C ASN B 216 -13.04 -9.06 -12.87
N ASN B 217 -12.04 -9.78 -12.37
CA ASN B 217 -10.65 -9.69 -12.81
C ASN B 217 -10.05 -8.31 -12.59
N ARG B 218 -10.53 -7.55 -11.61
CA ARG B 218 -9.99 -6.25 -11.24
C ARG B 218 -9.28 -6.33 -9.90
N TRP B 219 -8.25 -5.51 -9.75
CA TRP B 219 -7.53 -5.39 -8.49
C TRP B 219 -8.20 -4.40 -7.56
N TYR B 220 -8.37 -4.84 -6.30
CA TYR B 220 -8.96 -4.06 -5.23
C TYR B 220 -7.99 -3.89 -4.08
N GLN B 221 -7.95 -2.69 -3.54
CA GLN B 221 -7.12 -2.45 -2.36
C GLN B 221 -7.92 -2.76 -1.10
N MET B 222 -7.61 -3.90 -0.49
CA MET B 222 -8.29 -4.33 0.72
C MET B 222 -7.65 -3.78 1.97
N GLY B 223 -6.34 -3.51 1.95
CA GLY B 223 -5.63 -3.09 3.14
C GLY B 223 -4.64 -2.00 2.85
N ILE B 224 -4.20 -1.34 3.93
CA ILE B 224 -3.08 -0.41 3.90
C ILE B 224 -2.03 -0.97 4.85
N VAL B 225 -0.78 -1.04 4.40
CA VAL B 225 0.32 -1.48 5.28
C VAL B 225 0.37 -0.56 6.48
N SER B 226 0.11 -1.12 7.68
CA SER B 226 -0.04 -0.31 8.89
C SER B 226 1.06 -0.53 9.91
N TRP B 227 1.19 -1.73 10.50
CA TRP B 227 2.21 -1.91 11.51
C TRP B 227 2.57 -3.39 11.66
N GLY B 228 3.75 -3.60 12.24
CA GLY B 228 4.22 -4.93 12.58
C GLY B 228 5.28 -4.80 13.65
N GLU B 229 5.41 -5.85 14.48
CA GLU B 229 6.43 -5.89 15.52
C GLU B 229 7.67 -6.50 14.88
N GLY B 230 8.57 -5.61 14.44
CA GLY B 230 9.69 -6.06 13.63
C GLY B 230 9.25 -6.28 12.19
N CYS B 231 10.00 -7.10 11.45
CA CYS B 231 9.65 -7.48 10.10
C CYS B 231 9.94 -8.97 9.93
N ASP B 232 8.94 -9.71 9.44
CA ASP B 232 9.10 -11.11 9.08
C ASP B 232 9.57 -11.96 10.26
N ARG B 233 9.11 -11.64 11.46
CA ARG B 233 9.45 -12.46 12.62
C ARG B 233 8.54 -13.67 12.70
N ASP B 234 9.12 -14.81 13.08
CA ASP B 234 8.33 -16.00 13.30
C ASP B 234 7.31 -15.75 14.40
N GLY B 235 6.06 -16.11 14.12
CA GLY B 235 4.98 -15.97 15.07
C GLY B 235 4.35 -14.59 15.13
N LYS B 236 4.89 -13.63 14.38
CA LYS B 236 4.31 -12.30 14.27
C LYS B 236 3.68 -12.20 12.89
N TYR B 237 2.80 -11.20 12.74
CA TYR B 237 2.08 -10.98 11.50
C TYR B 237 2.09 -9.49 11.21
N GLY B 238 1.90 -9.15 9.95
CA GLY B 238 1.71 -7.77 9.59
C GLY B 238 0.25 -7.38 9.74
N PHE B 239 0.03 -6.15 10.20
CA PHE B 239 -1.30 -5.60 10.39
C PHE B 239 -1.58 -4.52 9.36
N TYR B 240 -2.81 -4.55 8.84
CA TYR B 240 -3.26 -3.76 7.70
C TYR B 240 -4.55 -3.06 8.06
N THR B 241 -4.66 -1.79 7.71
CA THR B 241 -5.93 -1.08 7.86
C THR B 241 -6.98 -1.71 6.96
N HIS B 242 -8.16 -1.95 7.51
CA HIS B 242 -9.27 -2.58 6.80
C HIS B 242 -9.99 -1.51 5.99
N VAL B 243 -9.66 -1.43 4.68
CA VAL B 243 -10.09 -0.30 3.85
C VAL B 243 -11.62 -0.25 3.76
N PHE B 244 -12.26 -1.39 3.55
CA PHE B 244 -13.70 -1.36 3.42
C PHE B 244 -14.38 -0.80 4.67
N ARG B 245 -13.88 -1.16 5.86
CA ARG B 245 -14.53 -0.69 7.09
C ARG B 245 -14.49 0.83 7.23
N LEU B 246 -13.54 1.49 6.57
CA LEU B 246 -13.38 2.93 6.66
C LEU B 246 -13.82 3.62 5.37
N LYS B 247 -14.51 2.91 4.48
CA LYS B 247 -14.83 3.48 3.18
C LYS B 247 -15.84 4.63 3.30
N LYS B 248 -16.70 4.59 4.31
CA LYS B 248 -17.66 5.68 4.46
C LYS B 248 -16.95 7.00 4.72
N TRP B 249 -15.87 6.96 5.49
CA TRP B 249 -15.06 8.17 5.68
C TRP B 249 -14.40 8.59 4.37
N ILE B 250 -13.85 7.63 3.62
CA ILE B 250 -13.23 7.95 2.34
C ILE B 250 -14.23 8.66 1.44
N GLN B 251 -15.43 8.09 1.34
CA GLN B 251 -16.47 8.66 0.50
C GLN B 251 -16.86 10.05 0.95
N LYS B 252 -16.98 10.26 2.26
CA LYS B 252 -17.35 11.57 2.78
C LYS B 252 -16.31 12.62 2.40
N VAL B 253 -15.02 12.29 2.53
CA VAL B 253 -13.97 13.24 2.19
C VAL B 253 -14.00 13.58 0.71
N ILE B 254 -14.09 12.56 -0.14
CA ILE B 254 -14.05 12.82 -1.57
C ILE B 254 -15.31 13.56 -2.02
N ASP B 255 -16.46 13.25 -1.42
CA ASP B 255 -17.69 13.93 -1.78
C ASP B 255 -17.65 15.40 -1.37
N GLN B 256 -17.11 15.68 -0.17
CA GLN B 256 -17.10 17.05 0.33
C GLN B 256 -16.03 17.89 -0.36
N PHE B 257 -14.86 17.31 -0.62
CA PHE B 257 -13.71 18.09 -1.05
C PHE B 257 -13.27 17.77 -2.47
N ASP C 1 20.85 7.13 -1.16
CA ASP C 1 21.32 8.02 -2.22
C ASP C 1 20.27 8.13 -3.34
N PHE C 2 19.44 9.16 -3.28
CA PHE C 2 18.42 9.41 -4.29
C PHE C 2 18.96 10.38 -5.33
N GLU C 3 18.68 10.07 -6.59
CA GLU C 3 18.99 11.00 -7.67
C GLU C 3 18.18 12.26 -7.49
N GLU C 4 18.81 13.41 -7.75
CA GLU C 4 18.13 14.68 -7.63
C GLU C 4 16.93 14.72 -8.58
N ILE C 5 15.84 15.29 -8.11
CA ILE C 5 14.65 15.43 -8.96
C ILE C 5 14.69 16.82 -9.59
N PRO C 6 14.01 17.04 -10.72
CA PRO C 6 14.03 18.37 -11.34
C PRO C 6 13.62 19.44 -10.33
N GLU C 7 14.30 20.59 -10.42
CA GLU C 7 14.07 21.65 -9.44
C GLU C 7 12.66 22.17 -9.51
N GLU C 8 12.00 22.04 -10.66
CA GLU C 8 10.62 22.52 -10.82
C GLU C 8 9.65 21.93 -9.79
N LEU C 10 10.30 21.34 -6.69
CA LEU C 10 10.63 21.77 -5.33
C LEU C 10 10.32 23.25 -5.10
N GLN C 11 9.91 23.95 -6.16
CA GLN C 11 9.63 25.37 -6.08
C GLN C 11 8.18 25.61 -5.66
#